data_2V4Z
#
_entry.id   2V4Z
#
_cell.length_a   114.539
_cell.length_b   114.539
_cell.length_c   99.330
_cell.angle_alpha   90.00
_cell.angle_beta   90.00
_cell.angle_gamma   120.00
#
_symmetry.space_group_name_H-M   'P 32 2 1'
#
loop_
_entity.id
_entity.type
_entity.pdbx_description
1 polymer 'GUANINE NUCLEOTIDE-BINDING PROTEIN G(K) SUBUNIT ALPHA'
2 polymer 'REGULATOR OF G-PROTEIN SIGNALING 2'
3 non-polymer "GUANOSINE-5'-DIPHOSPHATE"
4 non-polymer 'TETRAFLUOROALUMINATE ION'
5 non-polymer 'MAGNESIUM ION'
6 water water
#
loop_
_entity_poly.entity_id
_entity_poly.type
_entity_poly.pdbx_seq_one_letter_code
_entity_poly.pdbx_strand_id
1 'polypeptide(L)'
;SMTLSAEDKAAVERSKMIDRNLREDGEKAAKEVKLLLLGAGESGKSTIVKQMKIIHEDGYSEDECKQYKVVVYSNTIQSI
IAIIRAMGRLKIDFGEAARADDARQLFVLAGSAEEGVMTPELAGVIKRLWRDGGVQACFSRSREYQLNDSASYYLNDLDR
ISQSNYIPTQQDVLRTRVKTTGIVETHFTFKDLYFKMFDVGGQRSERKKWIHCFEGVTAIIFCVALSDYDLVLAEDEEMN
RMHESMKLFDSICNNKWFTETSIILFLNKKDLFEEKIKRSPLTICYPEYTGSNTYEEAAAYIQCQFEDLNRRKDTKEIYT
HFTCATDTKNVQFVFDAVTDVIIKNNLKES
;
A
2 'polypeptide(L)'
;SNAKPSPEEAQLWSEAFDELLASKYGLAAFRAFLKSEFSEENIEFWLACEDFKKTKSPQKLSSKARKIYTDFIEKEAPKE
INIDFQTKTLIAQNIQEATSGCFTTAQKRVYSLMENDSYPRFLKSEFYQDLCKKPQITTEPH
;
B
#
# COMPACT_ATOMS: atom_id res chain seq x y z
N LYS A 31 -23.25 8.14 20.64
CA LYS A 31 -23.58 7.19 19.54
C LYS A 31 -22.31 6.70 18.81
N GLU A 32 -22.48 5.62 18.06
CA GLU A 32 -21.38 4.94 17.37
C GLU A 32 -21.35 5.35 15.90
N VAL A 33 -20.13 5.43 15.34
CA VAL A 33 -19.92 5.81 13.94
C VAL A 33 -19.13 4.75 13.18
N LYS A 34 -19.68 4.27 12.07
CA LYS A 34 -18.98 3.29 11.23
C LYS A 34 -18.31 4.03 10.06
N LEU A 35 -17.02 4.27 10.19
CA LEU A 35 -16.22 4.96 9.19
C LEU A 35 -15.54 3.94 8.28
N LEU A 36 -15.62 4.17 6.98
CA LEU A 36 -15.11 3.24 5.97
C LEU A 36 -14.13 3.99 5.08
N LEU A 37 -12.88 3.52 5.04
CA LEU A 37 -11.85 4.14 4.21
C LEU A 37 -11.67 3.37 2.91
N LEU A 38 -12.05 4.00 1.80
CA LEU A 38 -12.03 3.33 0.49
C LEU A 38 -11.19 4.10 -0.51
N GLY A 39 -10.83 3.40 -1.59
CA GLY A 39 -10.01 3.98 -2.66
C GLY A 39 -9.11 2.94 -3.31
N ALA A 40 -8.61 3.28 -4.50
CA ALA A 40 -7.71 2.40 -5.24
C ALA A 40 -6.44 2.22 -4.47
N GLY A 41 -5.68 1.20 -4.82
CA GLY A 41 -4.40 0.90 -4.18
C GLY A 41 -3.50 2.10 -4.13
N GLU A 42 -2.77 2.23 -3.02
CA GLU A 42 -1.75 3.28 -2.82
C GLU A 42 -2.34 4.69 -2.76
N SER A 43 -3.61 4.82 -2.42
CA SER A 43 -4.26 6.14 -2.42
C SER A 43 -4.03 6.92 -1.12
N GLY A 44 -3.76 6.21 -0.02
CA GLY A 44 -3.45 6.86 1.27
C GLY A 44 -4.31 6.44 2.45
N LYS A 45 -5.11 5.39 2.25
CA LYS A 45 -6.07 4.94 3.25
C LYS A 45 -5.37 4.64 4.57
N SER A 46 -4.40 3.74 4.52
CA SER A 46 -3.71 3.28 5.72
C SER A 46 -2.93 4.39 6.43
N THR A 47 -2.47 5.39 5.67
CA THR A 47 -1.77 6.54 6.25
C THR A 47 -2.72 7.39 7.11
N ILE A 48 -3.94 7.62 6.60
CA ILE A 48 -4.97 8.29 7.38
C ILE A 48 -5.23 7.51 8.66
N VAL A 49 -5.24 6.19 8.56
CA VAL A 49 -5.47 5.35 9.74
C VAL A 49 -4.37 5.55 10.78
N LYS A 50 -3.12 5.68 10.32
CA LYS A 50 -2.02 5.99 11.22
C LYS A 50 -2.20 7.37 11.87
N GLN A 51 -2.71 8.33 11.12
CA GLN A 51 -2.89 9.68 11.65
C GLN A 51 -3.94 9.70 12.75
N MET A 52 -4.93 8.81 12.68
CA MET A 52 -5.90 8.67 13.76
C MET A 52 -5.22 8.18 15.02
N LYS A 53 -4.25 7.28 14.87
CA LYS A 53 -3.47 6.81 16.01
C LYS A 53 -2.66 7.98 16.58
N ILE A 54 -2.03 8.76 15.71
CA ILE A 54 -1.19 9.85 16.16
C ILE A 54 -2.02 10.94 16.84
N ILE A 55 -3.12 11.33 16.19
CA ILE A 55 -3.94 12.45 16.65
C ILE A 55 -4.85 12.08 17.81
N HIS A 56 -5.34 10.84 17.86
CA HIS A 56 -6.33 10.46 18.87
C HIS A 56 -5.91 9.37 19.85
N GLU A 57 -4.65 8.93 19.81
CA GLU A 57 -4.14 7.89 20.72
C GLU A 57 -2.64 8.06 21.06
N ASP A 58 -2.29 9.26 21.54
CA ASP A 58 -0.93 9.58 22.06
C ASP A 58 0.27 9.08 21.21
N GLY A 59 0.06 8.91 19.91
CA GLY A 59 1.13 8.60 18.97
C GLY A 59 1.71 7.20 18.99
N TYR A 60 2.88 7.08 18.36
CA TYR A 60 3.69 5.87 18.31
C TYR A 60 4.76 5.89 19.41
N SER A 61 4.92 4.79 20.13
CA SER A 61 6.01 4.68 21.09
C SER A 61 7.33 4.50 20.36
N GLU A 62 8.43 4.61 21.10
CA GLU A 62 9.76 4.44 20.52
C GLU A 62 9.89 3.03 19.97
N ASP A 63 9.51 2.04 20.76
CA ASP A 63 9.55 0.65 20.32
C ASP A 63 8.74 0.47 19.03
N GLU A 64 7.50 0.91 19.05
CA GLU A 64 6.68 0.89 17.84
C GLU A 64 7.43 1.45 16.63
N CYS A 65 8.18 2.53 16.82
CA CYS A 65 8.99 3.10 15.74
C CYS A 65 10.14 2.19 15.33
N LYS A 66 10.82 1.62 16.32
CA LYS A 66 11.91 0.68 16.04
C LYS A 66 11.44 -0.45 15.13
N GLN A 67 10.21 -0.89 15.34
CA GLN A 67 9.66 -1.96 14.54
C GLN A 67 9.53 -1.58 13.07
N TYR A 68 9.41 -0.30 12.77
CA TYR A 68 9.39 0.16 11.38
C TYR A 68 10.77 0.34 10.75
N LYS A 69 11.85 0.19 11.52
CA LYS A 69 13.21 0.30 10.99
C LYS A 69 13.38 -0.64 9.80
N VAL A 70 12.96 -1.89 9.97
CA VAL A 70 13.09 -2.87 8.90
C VAL A 70 12.28 -2.48 7.66
N VAL A 71 11.14 -1.82 7.86
CA VAL A 71 10.29 -1.43 6.74
C VAL A 71 10.94 -0.26 5.99
N VAL A 72 11.52 0.67 6.76
CA VAL A 72 12.16 1.84 6.16
C VAL A 72 13.34 1.44 5.30
N TYR A 73 14.12 0.47 5.77
CA TYR A 73 15.22 -0.06 4.98
C TYR A 73 14.71 -0.79 3.73
N SER A 74 13.70 -1.63 3.91
CA SER A 74 13.12 -2.34 2.79
C SER A 74 12.59 -1.35 1.75
N ASN A 75 11.82 -0.37 2.19
CA ASN A 75 11.28 0.64 1.29
C ASN A 75 12.41 1.31 0.52
N THR A 76 13.44 1.73 1.26
CA THR A 76 14.56 2.43 0.66
C THR A 76 15.26 1.58 -0.38
N ILE A 77 15.63 0.36 0.01
CA ILE A 77 16.34 -0.58 -0.85
C ILE A 77 15.55 -0.92 -2.13
N GLN A 78 14.26 -1.23 -1.98
CA GLN A 78 13.41 -1.53 -3.14
C GLN A 78 13.30 -0.33 -4.06
N SER A 79 13.22 0.86 -3.47
CA SER A 79 13.05 2.08 -4.25
C SER A 79 14.21 2.27 -5.22
N ILE A 80 15.44 2.25 -4.70
CA ILE A 80 16.61 2.39 -5.55
C ILE A 80 16.68 1.24 -6.56
N ILE A 81 16.35 0.03 -6.14
CA ILE A 81 16.31 -1.13 -7.04
C ILE A 81 15.34 -0.93 -8.20
N ALA A 82 14.18 -0.36 -7.89
CA ALA A 82 13.17 -0.07 -8.91
C ALA A 82 13.75 0.81 -10.01
N ILE A 83 14.47 1.85 -9.59
CA ILE A 83 15.06 2.84 -10.51
C ILE A 83 16.08 2.15 -11.42
N ILE A 84 16.99 1.40 -10.79
CA ILE A 84 18.02 0.67 -11.51
C ILE A 84 17.42 -0.29 -12.53
N ARG A 85 16.47 -1.11 -12.10
CA ARG A 85 15.78 -2.04 -12.98
C ARG A 85 15.21 -1.35 -14.22
N ALA A 86 14.66 -0.15 -14.03
CA ALA A 86 14.00 0.58 -15.10
C ALA A 86 14.97 1.08 -16.18
N MET A 87 16.19 1.41 -15.77
CA MET A 87 17.17 2.02 -16.66
C MET A 87 17.39 1.22 -17.93
N GLY A 88 17.58 -0.09 -17.79
CA GLY A 88 17.72 -0.98 -18.94
C GLY A 88 16.51 -0.88 -19.86
N ARG A 89 15.33 -1.11 -19.29
CA ARG A 89 14.06 -1.08 -20.05
C ARG A 89 13.86 0.24 -20.79
N LEU A 90 14.21 1.35 -20.14
CA LEU A 90 14.00 2.69 -20.69
C LEU A 90 15.19 3.19 -21.52
N LYS A 91 16.26 2.41 -21.61
CA LYS A 91 17.46 2.80 -22.35
C LYS A 91 18.08 4.07 -21.74
N ILE A 92 18.54 3.95 -20.49
CA ILE A 92 19.24 5.04 -19.83
C ILE A 92 20.56 4.51 -19.27
N ASP A 93 21.62 5.28 -19.42
CA ASP A 93 22.96 4.85 -19.02
C ASP A 93 23.44 5.63 -17.83
N PHE A 94 24.31 5.02 -17.04
CA PHE A 94 24.89 5.68 -15.87
C PHE A 94 25.72 6.90 -16.26
N GLY A 95 25.73 7.90 -15.38
CA GLY A 95 26.60 9.07 -15.54
C GLY A 95 28.06 8.67 -15.63
N GLU A 96 28.49 7.81 -14.71
CA GLU A 96 29.86 7.28 -14.70
C GLU A 96 29.81 5.76 -14.84
N ALA A 97 30.60 5.21 -15.77
CA ALA A 97 30.64 3.77 -16.00
C ALA A 97 30.95 2.97 -14.73
N ALA A 98 31.60 3.60 -13.75
CA ALA A 98 31.94 2.92 -12.48
C ALA A 98 30.73 2.54 -11.63
N ARG A 99 29.56 3.12 -11.89
CA ARG A 99 28.33 2.79 -11.15
C ARG A 99 27.83 1.38 -11.46
N ALA A 100 28.12 0.88 -12.65
CA ALA A 100 27.74 -0.49 -13.02
C ALA A 100 28.13 -1.47 -11.91
N ASP A 101 29.36 -1.37 -11.43
CA ASP A 101 29.82 -2.13 -10.26
C ASP A 101 28.85 -1.98 -9.09
N ASP A 102 28.55 -0.73 -8.74
CA ASP A 102 27.69 -0.43 -7.61
C ASP A 102 26.28 -0.96 -7.82
N ALA A 103 25.77 -0.80 -9.05
CA ALA A 103 24.45 -1.30 -9.42
C ALA A 103 24.33 -2.80 -9.20
N ARG A 104 25.31 -3.56 -9.67
CA ARG A 104 25.34 -4.99 -9.42
C ARG A 104 25.57 -5.27 -7.94
N GLN A 105 26.41 -4.46 -7.31
CA GLN A 105 26.71 -4.61 -5.89
C GLN A 105 25.48 -4.37 -5.02
N LEU A 106 24.57 -3.55 -5.52
CA LEU A 106 23.29 -3.33 -4.87
C LEU A 106 22.52 -4.64 -4.68
N PHE A 107 22.42 -5.42 -5.75
CA PHE A 107 21.64 -6.67 -5.71
C PHE A 107 22.32 -7.74 -4.88
N VAL A 108 23.65 -7.79 -4.94
CA VAL A 108 24.41 -8.72 -4.11
C VAL A 108 24.11 -8.49 -2.63
N LEU A 109 24.23 -7.23 -2.21
CA LEU A 109 24.09 -6.85 -0.81
C LEU A 109 22.63 -6.75 -0.38
N ALA A 110 21.73 -6.55 -1.33
CA ALA A 110 20.30 -6.61 -1.03
C ALA A 110 19.94 -8.03 -0.59
N GLY A 111 20.56 -9.02 -1.21
CA GLY A 111 20.37 -10.43 -0.86
C GLY A 111 20.97 -10.80 0.49
N SER A 112 22.12 -10.22 0.81
CA SER A 112 22.77 -10.47 2.11
C SER A 112 22.28 -9.48 3.19
N ALA A 113 22.69 -8.21 3.06
CA ALA A 113 22.36 -7.21 4.07
C ALA A 113 20.87 -7.30 4.31
N GLU A 114 20.50 -7.99 5.38
CA GLU A 114 19.10 -8.22 5.72
C GLU A 114 18.73 -7.52 7.06
N GLU A 115 17.43 -7.44 7.34
CA GLU A 115 16.88 -6.85 8.56
C GLU A 115 17.77 -7.05 9.81
N GLY A 116 17.93 -6.03 10.65
CA GLY A 116 17.42 -4.67 10.45
C GLY A 116 18.59 -3.70 10.43
N VAL A 117 19.57 -3.98 9.57
CA VAL A 117 20.79 -3.21 9.50
C VAL A 117 21.23 -3.00 8.06
N MET A 118 21.41 -1.74 7.71
CA MET A 118 22.04 -1.37 6.45
C MET A 118 23.51 -1.15 6.76
N THR A 119 24.37 -1.98 6.16
CA THR A 119 25.81 -1.87 6.40
C THR A 119 26.34 -0.58 5.77
N PRO A 120 27.52 -0.14 6.21
CA PRO A 120 28.12 1.03 5.57
C PRO A 120 28.35 0.82 4.07
N GLU A 121 28.73 -0.40 3.68
CA GLU A 121 28.98 -0.73 2.28
C GLU A 121 27.74 -0.53 1.43
N LEU A 122 26.58 -0.96 1.92
CA LEU A 122 25.35 -0.80 1.17
C LEU A 122 24.95 0.67 1.12
N ALA A 123 25.06 1.35 2.25
CA ALA A 123 24.75 2.77 2.33
C ALA A 123 25.52 3.54 1.26
N GLY A 124 26.81 3.24 1.14
CA GLY A 124 27.67 3.90 0.16
C GLY A 124 27.27 3.61 -1.27
N VAL A 125 26.90 2.35 -1.53
CA VAL A 125 26.43 1.96 -2.85
C VAL A 125 25.18 2.76 -3.20
N ILE A 126 24.22 2.81 -2.28
CA ILE A 126 22.94 3.50 -2.52
C ILE A 126 23.17 4.98 -2.71
N LYS A 127 24.09 5.55 -1.92
CA LYS A 127 24.42 6.96 -1.99
C LYS A 127 24.97 7.30 -3.38
N ARG A 128 26.03 6.60 -3.76
CA ARG A 128 26.65 6.83 -5.06
C ARG A 128 25.63 6.74 -6.19
N LEU A 129 24.88 5.63 -6.22
CA LEU A 129 23.88 5.42 -7.27
C LEU A 129 22.89 6.57 -7.35
N TRP A 130 22.46 7.04 -6.18
CA TRP A 130 21.44 8.08 -6.08
C TRP A 130 21.97 9.45 -6.56
N ARG A 131 23.24 9.74 -6.34
CA ARG A 131 23.85 10.98 -6.83
C ARG A 131 24.13 10.94 -8.34
N ASP A 132 24.11 9.76 -8.94
CA ASP A 132 24.45 9.58 -10.36
C ASP A 132 23.39 10.17 -11.28
N GLY A 133 23.86 10.83 -12.34
CA GLY A 133 22.99 11.58 -13.25
C GLY A 133 22.10 10.75 -14.13
N GLY A 134 22.54 9.55 -14.49
CA GLY A 134 21.73 8.61 -15.25
C GLY A 134 20.61 8.07 -14.39
N VAL A 135 20.96 7.70 -13.15
CA VAL A 135 19.97 7.23 -12.20
C VAL A 135 18.95 8.32 -11.94
N GLN A 136 19.42 9.56 -11.81
CA GLN A 136 18.51 10.68 -11.57
C GLN A 136 17.59 10.90 -12.77
N ALA A 137 18.16 10.82 -13.97
CA ALA A 137 17.38 10.89 -15.19
C ALA A 137 16.22 9.89 -15.10
N CYS A 138 16.55 8.65 -14.76
CA CYS A 138 15.56 7.58 -14.69
C CYS A 138 14.53 7.85 -13.61
N PHE A 139 15.00 8.31 -12.46
CA PHE A 139 14.11 8.72 -11.37
C PHE A 139 13.09 9.71 -11.87
N SER A 140 13.55 10.69 -12.64
CA SER A 140 12.66 11.71 -13.18
C SER A 140 11.61 11.15 -14.14
N ARG A 141 11.83 9.96 -14.69
CA ARG A 141 10.84 9.34 -15.58
C ARG A 141 10.06 8.22 -14.88
N SER A 142 9.95 8.31 -13.56
CA SER A 142 9.38 7.23 -12.76
C SER A 142 7.96 6.83 -13.14
N ARG A 143 7.20 7.78 -13.70
CA ARG A 143 5.85 7.47 -14.17
C ARG A 143 5.82 6.31 -15.18
N GLU A 144 6.93 6.05 -15.86
CA GLU A 144 7.00 4.94 -16.81
C GLU A 144 7.18 3.54 -16.19
N TYR A 145 7.32 3.49 -14.86
CA TYR A 145 7.38 2.21 -14.13
C TYR A 145 6.71 2.44 -12.78
N GLN A 146 6.92 1.56 -11.79
CA GLN A 146 6.27 1.69 -10.47
C GLN A 146 7.28 2.02 -9.37
N LEU A 147 7.29 3.28 -8.92
CA LEU A 147 8.21 3.72 -7.88
C LEU A 147 7.47 4.20 -6.66
N ASN A 148 7.84 3.68 -5.50
CA ASN A 148 7.27 4.16 -4.23
C ASN A 148 7.26 5.67 -4.18
N ASP A 149 6.16 6.25 -3.74
CA ASP A 149 6.08 7.70 -3.52
C ASP A 149 7.19 8.21 -2.60
N SER A 150 7.53 7.42 -1.58
CA SER A 150 8.48 7.85 -0.56
C SER A 150 9.95 7.61 -0.92
N ALA A 151 10.22 7.13 -2.13
CA ALA A 151 11.60 6.87 -2.56
C ALA A 151 12.53 8.06 -2.28
N SER A 152 12.24 9.21 -2.87
CA SER A 152 13.13 10.35 -2.71
C SER A 152 13.13 10.88 -1.28
N TYR A 153 12.03 10.68 -0.55
CA TYR A 153 12.00 11.08 0.85
C TYR A 153 13.08 10.32 1.60
N TYR A 154 13.09 9.00 1.45
CA TYR A 154 14.10 8.18 2.13
C TYR A 154 15.48 8.36 1.52
N LEU A 155 15.57 8.24 0.20
CA LEU A 155 16.86 8.27 -0.49
C LEU A 155 17.60 9.58 -0.26
N ASN A 156 16.87 10.70 -0.25
CA ASN A 156 17.50 11.98 0.06
C ASN A 156 17.89 12.13 1.53
N ASP A 157 17.53 11.16 2.37
CA ASP A 157 17.74 11.24 3.81
C ASP A 157 18.57 10.04 4.27
N LEU A 158 19.38 9.51 3.37
CA LEU A 158 20.07 8.24 3.56
C LEU A 158 21.07 8.28 4.71
N ASP A 159 21.82 9.36 4.81
CA ASP A 159 22.83 9.48 5.86
C ASP A 159 22.22 9.28 7.24
N ARG A 160 21.08 9.92 7.49
CA ARG A 160 20.40 9.81 8.77
C ARG A 160 19.90 8.39 9.05
N ILE A 161 19.17 7.81 8.09
CA ILE A 161 18.52 6.52 8.31
C ILE A 161 19.52 5.37 8.35
N SER A 162 20.65 5.53 7.66
CA SER A 162 21.64 4.47 7.56
C SER A 162 22.46 4.24 8.82
N GLN A 163 22.38 5.17 9.78
CA GLN A 163 23.06 5.03 11.08
C GLN A 163 22.58 3.78 11.83
N SER A 164 23.49 3.07 12.47
CA SER A 164 23.12 1.84 13.17
C SER A 164 22.20 2.13 14.35
N ASN A 165 22.41 3.29 14.98
CA ASN A 165 21.60 3.74 16.10
C ASN A 165 20.28 4.41 15.70
N TYR A 166 19.84 4.20 14.46
CA TYR A 166 18.72 4.95 13.88
C TYR A 166 17.37 4.45 14.38
N ILE A 167 16.60 5.37 14.96
CA ILE A 167 15.20 5.11 15.28
C ILE A 167 14.33 5.97 14.38
N PRO A 168 13.45 5.36 13.58
CA PRO A 168 12.55 6.12 12.71
C PRO A 168 11.68 7.10 13.45
N THR A 169 11.43 8.25 12.82
CA THR A 169 10.54 9.26 13.36
C THR A 169 9.13 8.96 12.92
N GLN A 170 8.17 9.66 13.49
CA GLN A 170 6.78 9.44 13.09
C GLN A 170 6.59 9.71 11.61
N GLN A 171 7.28 10.71 11.08
CA GLN A 171 7.14 11.03 9.67
C GLN A 171 7.66 9.86 8.88
N ASP A 172 8.81 9.33 9.31
CA ASP A 172 9.37 8.15 8.66
C ASP A 172 8.34 7.05 8.64
N VAL A 173 7.70 6.80 9.79
CA VAL A 173 6.66 5.77 9.88
C VAL A 173 5.50 6.08 8.92
N LEU A 174 4.99 7.31 8.97
CA LEU A 174 3.90 7.72 8.10
C LEU A 174 4.25 7.56 6.63
N ARG A 175 5.52 7.73 6.29
CA ARG A 175 5.98 7.62 4.91
C ARG A 175 6.13 6.18 4.43
N THR A 176 6.21 5.22 5.35
CA THR A 176 6.48 3.83 4.98
C THR A 176 5.36 3.27 4.11
N ARG A 177 5.72 2.31 3.28
CA ARG A 177 4.79 1.65 2.39
C ARG A 177 4.67 0.18 2.76
N VAL A 178 3.49 -0.22 3.23
CA VAL A 178 3.19 -1.61 3.47
C VAL A 178 1.81 -1.84 2.89
N LYS A 179 1.70 -2.82 1.99
CA LYS A 179 0.47 -3.01 1.24
C LYS A 179 -0.58 -3.66 2.14
N THR A 180 -1.75 -3.05 2.18
CA THR A 180 -2.84 -3.56 2.98
C THR A 180 -3.52 -4.63 2.17
N THR A 181 -3.72 -5.80 2.79
CA THR A 181 -4.49 -6.89 2.19
C THR A 181 -5.58 -7.32 3.18
N GLY A 182 -6.81 -7.43 2.68
CA GLY A 182 -7.95 -7.81 3.52
C GLY A 182 -8.68 -6.62 4.08
N ILE A 183 -9.13 -6.73 5.33
CA ILE A 183 -9.92 -5.69 6.00
C ILE A 183 -9.52 -5.60 7.46
N VAL A 184 -9.14 -4.41 7.90
CA VAL A 184 -8.62 -4.19 9.25
C VAL A 184 -9.42 -3.10 9.97
N GLU A 185 -9.85 -3.43 11.17
CA GLU A 185 -10.79 -2.60 11.92
C GLU A 185 -10.09 -1.93 13.09
N THR A 186 -10.29 -0.61 13.23
CA THR A 186 -9.71 0.17 14.33
C THR A 186 -10.79 0.86 15.13
N HIS A 187 -10.52 1.07 16.43
CA HIS A 187 -11.46 1.71 17.34
C HIS A 187 -10.81 2.90 18.04
N PHE A 188 -11.43 4.07 17.91
CA PHE A 188 -10.96 5.25 18.65
C PHE A 188 -12.12 6.18 19.02
N THR A 189 -11.80 7.19 19.83
CA THR A 189 -12.79 8.09 20.40
C THR A 189 -12.38 9.55 20.19
N PHE A 190 -13.38 10.40 19.92
CA PHE A 190 -13.13 11.80 19.60
C PHE A 190 -14.44 12.59 19.69
N LYS A 191 -14.43 13.67 20.45
CA LYS A 191 -15.63 14.49 20.69
C LYS A 191 -16.84 13.65 21.12
N ASP A 192 -16.63 12.75 22.07
CA ASP A 192 -17.66 11.84 22.57
C ASP A 192 -18.33 11.04 21.45
N LEU A 193 -17.54 10.47 20.54
CA LEU A 193 -18.06 9.59 19.49
C LEU A 193 -17.20 8.34 19.36
N TYR A 194 -17.82 7.17 19.41
CA TYR A 194 -17.09 5.91 19.30
C TYR A 194 -16.86 5.54 17.84
N PHE A 195 -15.69 5.90 17.33
CA PHE A 195 -15.36 5.70 15.92
C PHE A 195 -14.89 4.27 15.64
N LYS A 196 -15.71 3.50 14.94
CA LYS A 196 -15.30 2.21 14.38
C LYS A 196 -14.79 2.43 12.95
N MET A 197 -13.47 2.34 12.77
CA MET A 197 -12.83 2.63 11.47
C MET A 197 -12.41 1.34 10.76
N PHE A 198 -12.67 1.29 9.46
CA PHE A 198 -12.36 0.11 8.65
C PHE A 198 -11.40 0.46 7.53
N ASP A 199 -10.28 -0.24 7.49
CA ASP A 199 -9.28 0.00 6.46
C ASP A 199 -9.24 -1.23 5.58
N VAL A 200 -9.36 -1.01 4.26
CA VAL A 200 -9.39 -2.08 3.30
C VAL A 200 -8.25 -1.97 2.30
N GLY A 201 -8.03 -3.05 1.56
CA GLY A 201 -7.07 -3.04 0.44
C GLY A 201 -7.72 -2.48 -0.81
N GLY A 202 -6.95 -1.75 -1.60
CA GLY A 202 -7.48 -0.99 -2.73
C GLY A 202 -7.34 -1.63 -4.09
N GLN A 203 -6.46 -2.63 -4.21
CA GLN A 203 -6.22 -3.29 -5.50
C GLN A 203 -7.49 -3.95 -5.99
N ARG A 204 -7.58 -4.15 -7.31
CA ARG A 204 -8.75 -4.80 -7.90
C ARG A 204 -9.08 -6.11 -7.19
N SER A 205 -8.07 -6.92 -6.92
CA SER A 205 -8.29 -8.24 -6.33
C SER A 205 -9.03 -8.15 -5.00
N GLU A 206 -8.77 -7.07 -4.25
CA GLU A 206 -9.32 -6.87 -2.90
C GLU A 206 -10.79 -6.44 -2.86
N ARG A 207 -11.26 -5.79 -3.91
CA ARG A 207 -12.54 -5.09 -3.83
C ARG A 207 -13.76 -6.00 -3.68
N LYS A 208 -13.64 -7.27 -4.08
CA LYS A 208 -14.69 -8.25 -3.76
C LYS A 208 -15.04 -8.17 -2.28
N LYS A 209 -14.00 -8.10 -1.44
CA LYS A 209 -14.12 -8.23 0.00
C LYS A 209 -14.87 -7.08 0.66
N TRP A 210 -14.96 -5.95 -0.04
CA TRP A 210 -15.52 -4.73 0.54
C TRP A 210 -16.96 -4.87 1.07
N ILE A 211 -17.73 -5.76 0.44
CA ILE A 211 -19.10 -6.01 0.86
C ILE A 211 -19.23 -6.47 2.32
N HIS A 212 -18.14 -7.00 2.88
CA HIS A 212 -18.13 -7.47 4.28
C HIS A 212 -18.28 -6.36 5.32
N CYS A 213 -18.13 -5.10 4.92
CA CYS A 213 -18.27 -4.00 5.86
C CYS A 213 -19.10 -2.83 5.31
N PHE A 214 -20.08 -3.14 4.46
CA PHE A 214 -20.96 -2.12 3.90
C PHE A 214 -22.20 -1.85 4.75
N GLU A 215 -22.60 -2.80 5.59
CA GLU A 215 -23.82 -2.66 6.39
C GLU A 215 -23.61 -1.59 7.46
N GLY A 216 -24.55 -0.67 7.56
CA GLY A 216 -24.59 0.30 8.66
C GLY A 216 -23.54 1.38 8.63
N VAL A 217 -23.08 1.75 7.43
CA VAL A 217 -21.99 2.72 7.29
C VAL A 217 -22.46 4.16 7.49
N THR A 218 -21.84 4.87 8.42
CA THR A 218 -22.12 6.28 8.64
C THR A 218 -21.50 7.14 7.54
N ALA A 219 -20.18 7.02 7.39
CA ALA A 219 -19.46 7.85 6.45
C ALA A 219 -18.40 7.02 5.75
N ILE A 220 -18.15 7.35 4.48
CA ILE A 220 -17.06 6.77 3.73
C ILE A 220 -16.10 7.89 3.40
N ILE A 221 -14.83 7.67 3.67
CA ILE A 221 -13.78 8.57 3.23
C ILE A 221 -13.13 7.90 2.02
N PHE A 222 -13.43 8.42 0.84
CA PHE A 222 -12.86 7.88 -0.38
C PHE A 222 -11.57 8.62 -0.72
N CYS A 223 -10.47 7.88 -0.88
CA CYS A 223 -9.18 8.51 -1.14
C CYS A 223 -8.78 8.48 -2.61
N VAL A 224 -8.37 9.64 -3.10
CA VAL A 224 -7.85 9.77 -4.45
C VAL A 224 -6.46 10.38 -4.34
N ALA A 225 -5.46 9.65 -4.80
CA ALA A 225 -4.11 10.16 -4.86
C ALA A 225 -4.05 11.12 -6.05
N LEU A 226 -4.08 12.42 -5.76
CA LEU A 226 -4.00 13.43 -6.81
C LEU A 226 -2.83 13.17 -7.77
N SER A 227 -1.70 12.77 -7.20
CA SER A 227 -0.46 12.66 -7.96
C SER A 227 -0.48 11.49 -8.93
N ASP A 228 -1.49 10.63 -8.87
CA ASP A 228 -1.57 9.45 -9.73
C ASP A 228 -2.03 9.74 -11.18
N TYR A 229 -2.25 11.02 -11.53
CA TYR A 229 -2.79 11.39 -12.85
C TYR A 229 -1.94 10.95 -14.05
N ASP A 230 -0.64 10.76 -13.86
CA ASP A 230 0.24 10.34 -14.95
C ASP A 230 0.80 8.93 -14.75
N LEU A 231 0.34 8.26 -13.69
CA LEU A 231 0.79 6.91 -13.37
C LEU A 231 -0.21 5.89 -13.90
N VAL A 232 0.24 4.64 -13.97
CA VAL A 232 -0.60 3.52 -14.40
C VAL A 232 -0.66 2.44 -13.32
N LEU A 233 -1.78 1.71 -13.28
CA LEU A 233 -2.04 0.73 -12.23
C LEU A 233 -0.95 -0.36 -12.16
N ALA A 234 -0.53 -0.70 -10.96
CA ALA A 234 0.44 -1.78 -10.75
C ALA A 234 -0.15 -3.11 -11.23
N GLU A 235 -1.46 -3.30 -11.06
CA GLU A 235 -2.15 -4.54 -11.44
C GLU A 235 -2.57 -4.61 -12.91
N ASP A 236 -2.53 -3.47 -13.61
CA ASP A 236 -2.81 -3.42 -15.05
C ASP A 236 -2.15 -2.16 -15.64
N GLU A 237 -1.03 -2.36 -16.33
CA GLU A 237 -0.22 -1.24 -16.80
C GLU A 237 -0.76 -0.57 -18.08
N GLU A 238 -1.93 -1.01 -18.55
CA GLU A 238 -2.66 -0.27 -19.58
C GLU A 238 -3.71 0.69 -19.02
N MET A 239 -3.93 0.68 -17.70
CA MET A 239 -4.94 1.54 -17.07
C MET A 239 -4.29 2.71 -16.34
N ASN A 240 -4.66 3.92 -16.75
CA ASN A 240 -4.27 5.13 -16.05
C ASN A 240 -4.90 5.15 -14.66
N ARG A 241 -4.08 5.39 -13.64
CA ARG A 241 -4.54 5.30 -12.26
C ARG A 241 -5.71 6.22 -11.94
N MET A 242 -5.63 7.46 -12.42
CA MET A 242 -6.64 8.47 -12.12
C MET A 242 -8.00 8.04 -12.64
N HIS A 243 -8.04 7.44 -13.83
CA HIS A 243 -9.29 6.95 -14.39
C HIS A 243 -9.85 5.79 -13.57
N GLU A 244 -8.97 4.93 -13.09
CA GLU A 244 -9.37 3.81 -12.24
C GLU A 244 -10.04 4.32 -10.98
N SER A 245 -9.45 5.35 -10.41
CA SER A 245 -10.00 6.02 -9.24
C SER A 245 -11.37 6.65 -9.55
N MET A 246 -11.47 7.30 -10.70
CA MET A 246 -12.72 7.91 -11.13
C MET A 246 -13.82 6.88 -11.29
N LYS A 247 -13.53 5.82 -12.04
CA LYS A 247 -14.49 4.76 -12.27
C LYS A 247 -14.92 4.11 -10.95
N LEU A 248 -13.97 3.95 -10.03
CA LEU A 248 -14.26 3.37 -8.72
C LEU A 248 -15.18 4.28 -7.90
N PHE A 249 -14.85 5.57 -7.85
CA PHE A 249 -15.65 6.54 -7.09
C PHE A 249 -17.07 6.61 -7.62
N ASP A 250 -17.20 6.60 -8.94
CA ASP A 250 -18.50 6.57 -9.60
C ASP A 250 -19.29 5.36 -9.11
N SER A 251 -18.62 4.23 -9.04
CA SER A 251 -19.22 2.99 -8.57
C SER A 251 -19.74 3.13 -7.15
N ILE A 252 -18.89 3.64 -6.26
CA ILE A 252 -19.26 3.82 -4.86
C ILE A 252 -20.27 4.95 -4.70
N CYS A 253 -19.89 6.13 -5.15
CA CYS A 253 -20.70 7.33 -4.95
C CYS A 253 -22.18 7.11 -5.23
N ASN A 254 -22.48 6.55 -6.40
CA ASN A 254 -23.86 6.37 -6.85
C ASN A 254 -24.47 5.03 -6.43
N ASN A 255 -23.76 4.25 -5.63
CA ASN A 255 -24.24 2.96 -5.15
C ASN A 255 -25.41 3.11 -4.16
N LYS A 256 -26.57 2.58 -4.53
CA LYS A 256 -27.83 2.86 -3.81
C LYS A 256 -27.89 2.42 -2.33
N TRP A 257 -26.84 1.78 -1.83
CA TRP A 257 -26.81 1.29 -0.45
C TRP A 257 -26.06 2.25 0.46
N PHE A 258 -25.43 3.25 -0.15
CA PHE A 258 -24.84 4.36 0.58
C PHE A 258 -25.63 5.64 0.35
N THR A 259 -26.96 5.52 0.27
CA THR A 259 -27.83 6.69 0.11
C THR A 259 -27.78 7.52 1.39
N GLU A 260 -28.10 6.89 2.52
CA GLU A 260 -27.99 7.51 3.86
C GLU A 260 -26.54 7.37 4.38
N THR A 261 -25.58 7.84 3.60
CA THR A 261 -24.16 7.66 3.95
C THR A 261 -23.32 8.81 3.42
N SER A 262 -22.56 9.43 4.32
CA SER A 262 -21.72 10.57 3.97
C SER A 262 -20.56 10.12 3.09
N ILE A 263 -20.49 10.70 1.90
CA ILE A 263 -19.41 10.42 0.99
C ILE A 263 -18.44 11.58 1.08
N ILE A 264 -17.40 11.41 1.89
CA ILE A 264 -16.29 12.37 1.96
C ILE A 264 -15.23 11.99 0.94
N LEU A 265 -14.79 12.97 0.16
CA LEU A 265 -13.75 12.75 -0.83
C LEU A 265 -12.46 13.42 -0.34
N PHE A 266 -11.42 12.62 -0.12
CA PHE A 266 -10.08 13.15 0.15
C PHE A 266 -9.28 13.12 -1.15
N LEU A 267 -9.10 14.30 -1.74
CA LEU A 267 -8.16 14.42 -2.83
C LEU A 267 -6.80 14.56 -2.17
N ASN A 268 -6.13 13.41 -2.07
CA ASN A 268 -4.91 13.22 -1.28
C ASN A 268 -3.61 13.43 -2.08
N LYS A 269 -2.48 13.55 -1.39
CA LYS A 269 -1.18 13.74 -2.00
C LYS A 269 -1.07 15.11 -2.68
N LYS A 270 -1.73 16.10 -2.11
CA LYS A 270 -1.70 17.42 -2.70
C LYS A 270 -0.26 17.92 -2.87
N ASP A 271 0.60 17.55 -1.92
CA ASP A 271 2.00 17.99 -1.93
C ASP A 271 2.79 17.41 -3.11
N LEU A 272 2.72 16.10 -3.28
CA LEU A 272 3.36 15.47 -4.43
C LEU A 272 2.76 16.03 -5.72
N PHE A 273 1.46 16.28 -5.70
CA PHE A 273 0.76 16.84 -6.85
C PHE A 273 1.26 18.25 -7.15
N GLU A 274 1.40 19.09 -6.14
CA GLU A 274 1.90 20.45 -6.33
C GLU A 274 3.25 20.44 -7.04
N GLU A 275 4.06 19.43 -6.73
CA GLU A 275 5.39 19.28 -7.29
C GLU A 275 5.31 18.69 -8.70
N LYS A 276 4.41 17.74 -8.90
CA LYS A 276 4.27 17.03 -10.18
C LYS A 276 3.76 17.92 -11.32
N ILE A 277 2.79 18.78 -11.01
CA ILE A 277 2.05 19.50 -12.05
C ILE A 277 2.92 20.51 -12.80
N LYS A 278 4.00 20.97 -12.18
CA LYS A 278 4.96 21.85 -12.86
C LYS A 278 5.75 21.10 -13.93
N ARG A 279 5.91 19.80 -13.74
CA ARG A 279 6.77 18.97 -14.56
C ARG A 279 6.02 18.10 -15.55
N SER A 280 4.95 17.47 -15.07
CA SER A 280 4.17 16.52 -15.86
C SER A 280 2.81 17.12 -16.16
N PRO A 281 2.48 17.29 -17.45
CA PRO A 281 1.21 17.91 -17.81
C PRO A 281 0.01 17.02 -17.53
N LEU A 282 -1.05 17.63 -16.98
CA LEU A 282 -2.31 16.96 -16.67
C LEU A 282 -2.99 16.37 -17.90
N THR A 283 -2.65 16.88 -19.09
CA THR A 283 -3.22 16.35 -20.33
C THR A 283 -2.89 14.88 -20.57
N ILE A 284 -1.84 14.38 -19.91
CA ILE A 284 -1.58 12.94 -19.92
C ILE A 284 -2.83 12.22 -19.39
N CYS A 285 -3.42 12.77 -18.35
CA CYS A 285 -4.64 12.20 -17.79
C CYS A 285 -5.85 12.60 -18.60
N TYR A 286 -6.03 13.92 -18.75
CA TYR A 286 -7.21 14.47 -19.42
C TYR A 286 -6.79 15.16 -20.71
N PRO A 287 -6.85 14.44 -21.83
CA PRO A 287 -6.39 15.02 -23.09
C PRO A 287 -7.11 16.30 -23.54
N GLU A 288 -8.32 16.55 -23.03
CA GLU A 288 -9.10 17.74 -23.39
C GLU A 288 -8.74 18.99 -22.58
N TYR A 289 -8.02 18.84 -21.47
CA TYR A 289 -7.79 19.93 -20.53
C TYR A 289 -6.92 21.06 -21.10
N THR A 290 -7.58 22.19 -21.37
CA THR A 290 -6.93 23.37 -21.94
C THR A 290 -6.34 24.32 -20.91
N GLY A 291 -6.50 24.01 -19.62
CA GLY A 291 -6.06 24.89 -18.55
C GLY A 291 -4.57 24.84 -18.31
N SER A 292 -4.11 25.60 -17.32
CA SER A 292 -2.69 25.67 -17.01
C SER A 292 -2.27 24.50 -16.17
N ASN A 293 -0.96 24.30 -16.06
CA ASN A 293 -0.39 23.32 -15.15
C ASN A 293 0.09 24.03 -13.88
N THR A 294 -0.86 24.63 -13.17
CA THR A 294 -0.62 25.18 -11.83
C THR A 294 -1.50 24.43 -10.83
N TYR A 295 -1.14 24.50 -9.55
CA TYR A 295 -1.81 23.70 -8.52
C TYR A 295 -3.33 23.93 -8.50
N GLU A 296 -3.75 25.16 -8.24
CA GLU A 296 -5.17 25.41 -7.98
C GLU A 296 -6.07 25.15 -9.19
N GLU A 297 -5.60 25.45 -10.40
CA GLU A 297 -6.43 25.19 -11.56
C GLU A 297 -6.56 23.71 -11.85
N ALA A 298 -5.47 22.99 -11.75
CA ALA A 298 -5.45 21.56 -12.04
C ALA A 298 -6.26 20.81 -10.99
N ALA A 299 -5.93 21.06 -9.72
CA ALA A 299 -6.64 20.49 -8.60
C ALA A 299 -8.16 20.73 -8.71
N ALA A 300 -8.53 21.93 -9.14
CA ALA A 300 -9.94 22.28 -9.31
C ALA A 300 -10.57 21.45 -10.40
N TYR A 301 -9.79 21.18 -11.44
CA TYR A 301 -10.30 20.44 -12.58
C TYR A 301 -10.56 19.02 -12.17
N ILE A 302 -9.59 18.42 -11.51
CA ILE A 302 -9.72 17.04 -11.06
C ILE A 302 -10.93 16.92 -10.14
N GLN A 303 -11.07 17.83 -9.18
CA GLN A 303 -12.22 17.82 -8.28
C GLN A 303 -13.53 17.73 -9.06
N CYS A 304 -13.69 18.58 -10.08
CA CYS A 304 -14.85 18.52 -10.95
C CYS A 304 -15.07 17.15 -11.61
N GLN A 305 -13.98 16.51 -12.03
CA GLN A 305 -14.12 15.25 -12.75
C GLN A 305 -14.75 14.20 -11.84
N PHE A 306 -14.39 14.23 -10.56
CA PHE A 306 -14.98 13.31 -9.59
C PHE A 306 -16.37 13.76 -9.20
N GLU A 307 -16.49 15.04 -8.83
CA GLU A 307 -17.78 15.58 -8.36
C GLU A 307 -18.89 15.50 -9.41
N ASP A 308 -18.51 15.60 -10.68
CA ASP A 308 -19.45 15.47 -11.80
C ASP A 308 -20.02 14.04 -11.96
N LEU A 309 -19.29 13.04 -11.48
CA LEU A 309 -19.75 11.65 -11.57
C LEU A 309 -20.96 11.38 -10.65
N ASN A 310 -21.16 12.23 -9.66
CA ASN A 310 -22.35 12.13 -8.81
C ASN A 310 -23.61 12.35 -9.64
N ARG A 311 -24.55 11.41 -9.56
CA ARG A 311 -25.79 11.48 -10.33
C ARG A 311 -26.95 12.03 -9.52
N ARG A 312 -26.98 11.75 -8.21
CA ARG A 312 -28.00 12.33 -7.34
C ARG A 312 -27.52 13.69 -6.84
N LYS A 313 -27.15 14.57 -7.78
CA LYS A 313 -26.62 15.90 -7.49
C LYS A 313 -27.65 16.75 -6.74
N ASP A 314 -28.92 16.56 -7.08
CA ASP A 314 -30.01 17.27 -6.42
C ASP A 314 -30.14 16.82 -4.96
N THR A 315 -29.89 15.54 -4.70
CA THR A 315 -30.15 14.93 -3.40
C THR A 315 -28.90 14.75 -2.55
N LYS A 316 -27.80 14.29 -3.17
CA LYS A 316 -26.61 13.85 -2.46
C LYS A 316 -25.46 14.88 -2.50
N GLU A 317 -24.84 15.12 -1.34
CA GLU A 317 -23.74 16.07 -1.21
C GLU A 317 -22.39 15.36 -0.99
N ILE A 318 -21.37 15.84 -1.69
CA ILE A 318 -20.02 15.29 -1.57
C ILE A 318 -19.12 16.29 -0.88
N TYR A 319 -18.60 15.91 0.28
CA TYR A 319 -17.73 16.77 1.08
C TYR A 319 -16.26 16.53 0.73
N THR A 320 -15.74 17.34 -0.21
CA THR A 320 -14.39 17.18 -0.72
C THR A 320 -13.36 17.95 0.11
N HIS A 321 -12.18 17.36 0.28
CA HIS A 321 -11.06 17.99 0.97
C HIS A 321 -9.76 17.67 0.26
N PHE A 322 -8.88 18.65 0.22
CA PHE A 322 -7.54 18.43 -0.30
C PHE A 322 -6.65 18.16 0.88
N THR A 323 -6.10 16.96 0.92
CA THR A 323 -5.35 16.49 2.06
C THR A 323 -3.94 16.13 1.69
N CYS A 324 -3.10 16.12 2.72
CA CYS A 324 -1.80 15.49 2.68
C CYS A 324 -1.76 14.47 3.82
N ALA A 325 -2.01 13.21 3.50
CA ALA A 325 -2.19 12.17 4.52
C ALA A 325 -1.00 12.06 5.45
N THR A 326 0.19 12.32 4.95
CA THR A 326 1.40 12.23 5.76
C THR A 326 1.65 13.43 6.67
N ASP A 327 0.82 14.47 6.58
CA ASP A 327 0.95 15.67 7.41
C ASP A 327 -0.09 15.68 8.52
N THR A 328 0.37 15.46 9.74
CA THR A 328 -0.50 15.40 10.91
C THR A 328 -1.37 16.63 11.13
N LYS A 329 -0.79 17.82 11.02
CA LYS A 329 -1.60 19.05 11.20
C LYS A 329 -2.75 19.12 10.19
N ASN A 330 -2.48 18.73 8.94
CA ASN A 330 -3.51 18.76 7.90
C ASN A 330 -4.63 17.77 8.19
N VAL A 331 -4.27 16.51 8.40
CA VAL A 331 -5.25 15.45 8.66
C VAL A 331 -6.09 15.77 9.90
N GLN A 332 -5.47 16.35 10.91
CA GLN A 332 -6.17 16.71 12.12
C GLN A 332 -7.22 17.78 11.85
N PHE A 333 -6.85 18.75 11.02
CA PHE A 333 -7.76 19.82 10.64
C PHE A 333 -8.92 19.24 9.83
N VAL A 334 -8.59 18.51 8.77
CA VAL A 334 -9.61 17.95 7.89
C VAL A 334 -10.57 16.99 8.61
N PHE A 335 -10.05 16.16 9.51
CA PHE A 335 -10.90 15.22 10.22
C PHE A 335 -11.84 15.95 11.19
N ASP A 336 -11.29 16.90 11.92
CA ASP A 336 -12.09 17.76 12.79
C ASP A 336 -13.30 18.30 12.02
N ALA A 337 -13.04 18.80 10.81
CA ALA A 337 -14.10 19.23 9.89
C ALA A 337 -15.03 18.07 9.57
N VAL A 338 -14.47 16.97 9.06
CA VAL A 338 -15.26 15.79 8.71
C VAL A 338 -16.20 15.39 9.85
N THR A 339 -15.68 15.34 11.07
CA THR A 339 -16.48 14.95 12.23
C THR A 339 -17.70 15.86 12.38
N ASP A 340 -17.48 17.17 12.30
CA ASP A 340 -18.57 18.14 12.45
C ASP A 340 -19.69 17.91 11.44
N VAL A 341 -19.31 17.60 10.20
CA VAL A 341 -20.28 17.18 9.18
C VAL A 341 -21.15 16.06 9.74
N ILE A 342 -20.51 15.00 10.23
CA ILE A 342 -21.22 13.81 10.73
C ILE A 342 -22.12 14.16 11.92
N ILE A 343 -21.59 14.96 12.84
CA ILE A 343 -22.33 15.40 14.02
C ILE A 343 -23.62 16.12 13.66
N LYS A 344 -23.52 17.05 12.69
CA LYS A 344 -24.70 17.76 12.17
C LYS A 344 -25.60 16.82 11.37
N ASN A 345 -24.99 15.98 10.53
CA ASN A 345 -25.74 15.03 9.69
C ASN A 345 -26.19 13.75 10.40
N ASN A 346 -26.08 13.72 11.73
CA ASN A 346 -26.68 12.64 12.54
C ASN A 346 -27.23 13.18 13.87
N PRO B 5 0.18 -24.81 22.05
CA PRO B 5 0.51 -23.71 22.96
C PRO B 5 1.71 -24.06 23.85
N SER B 6 2.10 -23.18 24.76
CA SER B 6 3.15 -23.50 25.74
C SER B 6 3.23 -22.63 27.01
N PRO B 7 3.58 -21.32 26.90
CA PRO B 7 3.87 -20.41 25.79
C PRO B 7 5.31 -20.35 25.29
N GLU B 8 6.20 -21.20 25.81
CA GLU B 8 7.55 -21.34 25.23
C GLU B 8 7.48 -21.31 23.70
N GLU B 9 6.84 -22.32 23.12
CA GLU B 9 6.56 -22.36 21.68
C GLU B 9 5.87 -21.09 21.18
N ALA B 10 4.79 -20.69 21.85
CA ALA B 10 4.00 -19.51 21.45
C ALA B 10 4.84 -18.24 21.38
N GLN B 11 5.49 -17.91 22.49
CA GLN B 11 6.37 -16.73 22.57
C GLN B 11 7.33 -16.64 21.40
N LEU B 12 7.89 -17.79 21.01
CA LEU B 12 8.92 -17.86 19.98
C LEU B 12 8.51 -17.25 18.63
N TRP B 13 7.23 -17.25 18.31
CA TRP B 13 6.75 -16.82 16.98
C TRP B 13 6.99 -15.35 16.67
N SER B 14 7.05 -14.50 17.70
CA SER B 14 7.26 -13.06 17.50
C SER B 14 8.70 -12.70 17.09
N GLU B 15 9.64 -13.64 17.26
CA GLU B 15 11.01 -13.44 16.83
C GLU B 15 11.13 -13.48 15.30
N ALA B 16 10.50 -14.48 14.68
CA ALA B 16 10.54 -14.62 13.22
C ALA B 16 9.31 -15.34 12.68
N PHE B 17 8.95 -15.01 11.45
CA PHE B 17 7.73 -15.48 10.80
C PHE B 17 7.77 -16.97 10.43
N ASP B 18 8.96 -17.51 10.23
CA ASP B 18 9.12 -18.92 9.84
C ASP B 18 8.71 -19.87 10.95
N GLU B 19 8.86 -19.40 12.19
CA GLU B 19 8.49 -20.18 13.38
C GLU B 19 6.98 -20.44 13.37
N LEU B 20 6.22 -19.36 13.18
CA LEU B 20 4.77 -19.43 13.18
C LEU B 20 4.26 -20.44 12.17
N LEU B 21 4.70 -20.27 10.92
CA LEU B 21 4.26 -21.13 9.83
C LEU B 21 4.76 -22.57 9.97
N ALA B 22 5.90 -22.73 10.64
CA ALA B 22 6.48 -24.06 10.87
C ALA B 22 5.66 -24.92 11.84
N SER B 23 5.11 -24.30 12.88
CA SER B 23 4.36 -25.04 13.91
C SER B 23 2.91 -25.29 13.51
N LYS B 24 2.35 -26.40 14.00
CA LYS B 24 0.97 -26.79 13.67
C LYS B 24 -0.06 -25.84 14.27
N TYR B 25 -0.07 -25.75 15.60
CA TYR B 25 -1.03 -24.91 16.31
C TYR B 25 -0.90 -23.43 15.96
N GLY B 26 0.34 -22.98 15.74
CA GLY B 26 0.61 -21.58 15.39
C GLY B 26 0.07 -21.20 14.03
N LEU B 27 0.35 -22.03 13.03
CA LEU B 27 -0.18 -21.86 11.69
C LEU B 27 -1.71 -21.79 11.71
N ALA B 28 -2.33 -22.58 12.59
CA ALA B 28 -3.78 -22.56 12.75
C ALA B 28 -4.25 -21.26 13.38
N ALA B 29 -3.49 -20.74 14.33
CA ALA B 29 -3.85 -19.47 14.98
C ALA B 29 -3.81 -18.32 13.99
N PHE B 30 -2.82 -18.36 13.08
CA PHE B 30 -2.60 -17.31 12.11
C PHE B 30 -3.62 -17.35 10.99
N ARG B 31 -3.91 -18.55 10.49
CA ARG B 31 -4.97 -18.72 9.49
C ARG B 31 -6.30 -18.23 10.06
N ALA B 32 -6.53 -18.49 11.34
CA ALA B 32 -7.72 -18.00 12.03
C ALA B 32 -7.75 -16.47 12.00
N PHE B 33 -6.61 -15.84 12.25
CA PHE B 33 -6.50 -14.39 12.23
C PHE B 33 -6.71 -13.80 10.83
N LEU B 34 -6.06 -14.39 9.83
CA LEU B 34 -6.22 -13.95 8.46
C LEU B 34 -7.67 -14.08 8.00
N LYS B 35 -8.32 -15.17 8.40
CA LYS B 35 -9.76 -15.36 8.15
C LYS B 35 -10.57 -14.21 8.77
N SER B 36 -10.13 -13.72 9.94
CA SER B 36 -10.80 -12.61 10.61
C SER B 36 -10.53 -11.26 9.93
N GLU B 37 -9.46 -11.19 9.13
CA GLU B 37 -9.18 -10.00 8.34
C GLU B 37 -9.47 -10.22 6.86
N PHE B 38 -10.12 -11.33 6.52
CA PHE B 38 -10.49 -11.62 5.15
C PHE B 38 -9.29 -11.58 4.19
N SER B 39 -8.12 -12.03 4.67
CA SER B 39 -6.92 -12.11 3.84
C SER B 39 -6.37 -13.53 3.82
N GLU B 40 -7.23 -14.50 4.08
CA GLU B 40 -6.82 -15.89 4.25
C GLU B 40 -6.30 -16.54 2.97
N GLU B 41 -6.67 -16.01 1.81
CA GLU B 41 -6.22 -16.58 0.53
C GLU B 41 -4.70 -16.61 0.40
N ASN B 42 -4.03 -15.70 1.10
CA ASN B 42 -2.57 -15.67 1.12
C ASN B 42 -1.98 -16.94 1.74
N ILE B 43 -2.37 -17.24 2.98
CA ILE B 43 -1.84 -18.42 3.66
C ILE B 43 -2.19 -19.68 2.88
N GLU B 44 -3.38 -19.70 2.30
CA GLU B 44 -3.79 -20.83 1.48
C GLU B 44 -2.88 -20.99 0.26
N PHE B 45 -2.63 -19.89 -0.44
CA PHE B 45 -1.79 -19.91 -1.64
C PHE B 45 -0.38 -20.39 -1.31
N TRP B 46 0.18 -19.88 -0.23
CA TRP B 46 1.51 -20.29 0.22
C TRP B 46 1.51 -21.78 0.55
N LEU B 47 0.53 -22.20 1.35
CA LEU B 47 0.35 -23.62 1.68
C LEU B 47 0.23 -24.48 0.43
N ALA B 48 -0.44 -23.95 -0.59
CA ALA B 48 -0.51 -24.63 -1.89
C ALA B 48 0.85 -24.67 -2.58
N CYS B 49 1.57 -23.55 -2.55
CA CYS B 49 2.89 -23.45 -3.19
C CYS B 49 3.91 -24.45 -2.64
N GLU B 50 3.79 -24.80 -1.36
CA GLU B 50 4.71 -25.77 -0.74
C GLU B 50 4.40 -27.21 -1.15
N ASP B 51 3.11 -27.54 -1.24
CA ASP B 51 2.69 -28.86 -1.72
C ASP B 51 3.08 -29.02 -3.18
N PHE B 52 3.07 -27.91 -3.90
CA PHE B 52 3.53 -27.85 -5.28
C PHE B 52 5.05 -28.00 -5.32
N LYS B 53 5.75 -27.11 -4.61
CA LYS B 53 7.21 -27.12 -4.56
C LYS B 53 7.69 -28.11 -3.51
N SER B 57 5.07 -35.78 -9.54
CA SER B 57 5.01 -36.06 -10.98
C SER B 57 4.76 -34.79 -11.79
N PRO B 58 5.17 -34.78 -13.08
CA PRO B 58 4.92 -33.64 -13.96
C PRO B 58 3.48 -33.57 -14.49
N GLN B 59 2.82 -34.73 -14.58
CA GLN B 59 1.39 -34.79 -14.87
C GLN B 59 0.57 -34.28 -13.68
N LYS B 60 1.12 -34.42 -12.48
CA LYS B 60 0.55 -33.82 -11.27
C LYS B 60 1.00 -32.36 -11.10
N LEU B 61 2.21 -32.06 -11.55
CA LEU B 61 2.70 -30.68 -11.61
C LEU B 61 1.89 -29.87 -12.61
N SER B 62 1.61 -30.47 -13.77
CA SER B 62 0.71 -29.87 -14.76
C SER B 62 -0.68 -29.70 -14.16
N SER B 63 -1.20 -30.79 -13.57
CA SER B 63 -2.52 -30.80 -12.94
C SER B 63 -2.65 -29.69 -11.89
N LYS B 64 -1.84 -29.76 -10.84
CA LYS B 64 -1.93 -28.82 -9.72
C LYS B 64 -1.84 -27.35 -10.13
N ALA B 65 -1.02 -27.07 -11.15
CA ALA B 65 -0.81 -25.69 -11.65
C ALA B 65 -2.10 -25.02 -12.12
N ARG B 66 -2.88 -25.73 -12.92
CA ARG B 66 -4.14 -25.21 -13.45
C ARG B 66 -5.16 -24.94 -12.33
N LYS B 67 -5.32 -25.90 -11.42
CA LYS B 67 -6.20 -25.75 -10.26
C LYS B 67 -5.83 -24.51 -9.47
N ILE B 68 -4.53 -24.33 -9.21
CA ILE B 68 -4.01 -23.17 -8.48
C ILE B 68 -4.28 -21.85 -9.21
N TYR B 69 -4.02 -21.83 -10.52
CA TYR B 69 -4.25 -20.66 -11.36
C TYR B 69 -5.70 -20.16 -11.30
N THR B 70 -6.65 -21.06 -11.50
CA THR B 70 -8.07 -20.71 -11.49
C THR B 70 -8.49 -20.17 -10.12
N ASP B 71 -7.93 -20.75 -9.06
CA ASP B 71 -8.29 -20.39 -7.70
C ASP B 71 -7.65 -19.09 -7.23
N PHE B 72 -6.40 -18.84 -7.64
CA PHE B 72 -5.63 -17.74 -7.05
C PHE B 72 -5.21 -16.63 -7.99
N ILE B 73 -5.10 -16.90 -9.29
CA ILE B 73 -4.43 -15.94 -10.20
C ILE B 73 -5.31 -15.35 -11.32
N GLU B 74 -6.30 -16.11 -11.80
CA GLU B 74 -7.18 -15.60 -12.86
C GLU B 74 -7.91 -14.32 -12.43
N LYS B 75 -8.31 -13.49 -13.39
CA LYS B 75 -8.99 -12.24 -13.09
C LYS B 75 -10.37 -12.47 -12.46
N GLU B 76 -10.58 -11.89 -11.28
CA GLU B 76 -11.82 -12.07 -10.52
C GLU B 76 -11.98 -13.49 -9.95
N ALA B 77 -10.86 -14.17 -9.73
CA ALA B 77 -10.87 -15.54 -9.21
C ALA B 77 -11.36 -15.56 -7.77
N PRO B 78 -11.93 -16.70 -7.33
CA PRO B 78 -12.52 -16.78 -5.99
C PRO B 78 -11.55 -16.41 -4.86
N LYS B 79 -10.32 -16.91 -4.94
CA LYS B 79 -9.30 -16.63 -3.94
C LYS B 79 -8.14 -15.81 -4.54
N GLU B 80 -8.49 -14.81 -5.35
CA GLU B 80 -7.49 -14.02 -6.11
C GLU B 80 -6.51 -13.31 -5.20
N ILE B 81 -5.25 -13.71 -5.25
CA ILE B 81 -4.22 -13.13 -4.40
C ILE B 81 -3.77 -11.77 -4.92
N ASN B 82 -3.15 -10.97 -4.04
CA ASN B 82 -2.82 -9.58 -4.33
C ASN B 82 -1.36 -9.36 -4.78
N ILE B 83 -1.06 -9.78 -6.01
CA ILE B 83 0.25 -9.57 -6.63
C ILE B 83 0.12 -8.54 -7.76
N ASP B 84 1.25 -8.06 -8.25
CA ASP B 84 1.23 -7.09 -9.36
C ASP B 84 1.17 -7.80 -10.72
N PHE B 85 1.03 -7.02 -11.78
CA PHE B 85 0.82 -7.55 -13.13
C PHE B 85 2.10 -8.16 -13.74
N GLN B 86 3.26 -7.57 -13.45
CA GLN B 86 4.54 -8.12 -13.89
C GLN B 86 4.74 -9.54 -13.38
N THR B 87 4.29 -9.79 -12.16
CA THR B 87 4.40 -11.11 -11.54
C THR B 87 3.33 -12.07 -12.07
N LYS B 88 2.12 -11.56 -12.29
CA LYS B 88 1.00 -12.38 -12.77
C LYS B 88 1.27 -12.97 -14.16
N THR B 89 1.87 -12.17 -15.02
CA THR B 89 2.08 -12.55 -16.43
C THR B 89 3.19 -13.61 -16.54
N LEU B 90 4.34 -13.32 -15.95
CA LEU B 90 5.45 -14.27 -15.94
C LEU B 90 5.01 -15.59 -15.30
N ILE B 91 4.10 -15.49 -14.33
CA ILE B 91 3.44 -16.66 -13.75
C ILE B 91 2.60 -17.36 -14.81
N ALA B 92 1.77 -16.59 -15.53
CA ALA B 92 0.88 -17.14 -16.55
C ALA B 92 1.61 -17.77 -17.75
N GLN B 93 2.67 -17.11 -18.21
CA GLN B 93 3.47 -17.61 -19.32
C GLN B 93 4.26 -18.86 -18.92
N ASN B 94 5.04 -18.75 -17.85
CA ASN B 94 5.79 -19.89 -17.31
C ASN B 94 4.87 -20.80 -16.51
N ALA B 98 4.61 -26.32 -16.67
CA ALA B 98 4.33 -27.25 -15.57
C ALA B 98 5.60 -27.57 -14.79
N THR B 99 6.21 -26.55 -14.19
CA THR B 99 7.55 -26.67 -13.59
C THR B 99 7.54 -26.44 -12.07
N SER B 100 8.54 -27.00 -11.40
CA SER B 100 8.64 -26.95 -9.94
C SER B 100 8.80 -25.54 -9.40
N GLY B 101 9.77 -24.80 -9.93
CA GLY B 101 10.05 -23.43 -9.47
C GLY B 101 9.13 -22.36 -10.04
N CYS B 102 8.00 -22.79 -10.59
CA CYS B 102 7.05 -21.89 -11.26
C CYS B 102 6.56 -20.74 -10.37
N PHE B 103 5.95 -21.07 -9.25
CA PHE B 103 5.30 -20.09 -8.37
C PHE B 103 6.25 -19.36 -7.41
N THR B 104 7.54 -19.68 -7.46
CA THR B 104 8.52 -19.15 -6.52
C THR B 104 8.32 -17.66 -6.25
N THR B 105 8.25 -16.88 -7.34
CA THR B 105 8.11 -15.44 -7.24
C THR B 105 6.80 -15.04 -6.58
N ALA B 106 5.70 -15.65 -7.02
CA ALA B 106 4.39 -15.40 -6.42
C ALA B 106 4.34 -15.79 -4.95
N GLN B 107 4.93 -16.93 -4.61
CA GLN B 107 4.99 -17.38 -3.22
C GLN B 107 5.73 -16.37 -2.35
N LYS B 108 6.86 -15.88 -2.85
CA LYS B 108 7.66 -14.88 -2.14
C LYS B 108 6.90 -13.56 -1.93
N ARG B 109 6.13 -13.14 -2.93
CA ARG B 109 5.38 -11.89 -2.83
C ARG B 109 4.30 -12.02 -1.76
N VAL B 110 3.56 -13.13 -1.82
CA VAL B 110 2.50 -13.39 -0.84
C VAL B 110 3.08 -13.58 0.54
N TYR B 111 4.20 -14.29 0.62
CA TYR B 111 4.94 -14.44 1.88
C TYR B 111 5.21 -13.06 2.48
N SER B 112 5.78 -12.15 1.69
CA SER B 112 6.08 -10.80 2.15
C SER B 112 4.81 -10.05 2.54
N LEU B 113 3.75 -10.27 1.78
CA LEU B 113 2.47 -9.61 2.04
C LEU B 113 2.00 -9.93 3.45
N MET B 114 2.06 -11.21 3.81
CA MET B 114 1.65 -11.64 5.14
C MET B 114 2.62 -11.15 6.22
N GLU B 115 3.92 -11.22 5.93
CA GLU B 115 4.93 -10.87 6.93
C GLU B 115 4.90 -9.39 7.29
N ASN B 116 4.67 -8.55 6.30
CA ASN B 116 4.80 -7.10 6.47
C ASN B 116 3.57 -6.44 7.05
N ASP B 117 2.40 -7.02 6.77
CA ASP B 117 1.13 -6.36 7.03
C ASP B 117 0.33 -7.11 8.09
N SER B 118 -0.09 -8.34 7.78
CA SER B 118 -0.93 -9.15 8.67
C SER B 118 -0.19 -9.61 9.93
N TYR B 119 0.99 -10.16 9.72
CA TYR B 119 1.76 -10.84 10.77
C TYR B 119 2.04 -9.97 12.01
N PRO B 120 2.43 -8.70 11.82
CA PRO B 120 2.60 -7.81 12.96
C PRO B 120 1.32 -7.62 13.78
N ARG B 121 0.19 -7.46 13.09
CA ARG B 121 -1.09 -7.27 13.77
C ARG B 121 -1.51 -8.53 14.52
N PHE B 122 -1.12 -9.68 13.99
CA PHE B 122 -1.37 -10.95 14.67
C PHE B 122 -0.65 -11.00 16.00
N LEU B 123 0.58 -10.49 16.03
CA LEU B 123 1.38 -10.44 17.27
C LEU B 123 0.77 -9.53 18.32
N LYS B 124 -0.02 -8.53 17.91
CA LYS B 124 -0.60 -7.57 18.86
C LYS B 124 -2.03 -7.92 19.26
N SER B 125 -2.60 -8.95 18.62
CA SER B 125 -3.95 -9.39 18.96
C SER B 125 -3.94 -10.06 20.34
N GLU B 126 -5.07 -9.97 21.05
CA GLU B 126 -5.21 -10.59 22.36
C GLU B 126 -5.19 -12.12 22.26
N PHE B 127 -5.66 -12.65 21.13
CA PHE B 127 -5.65 -14.10 20.85
C PHE B 127 -4.26 -14.70 20.95
N TYR B 128 -3.24 -13.93 20.57
CA TYR B 128 -1.83 -14.33 20.74
C TYR B 128 -1.27 -13.82 22.06
N GLN B 129 -1.66 -12.60 22.45
CA GLN B 129 -1.20 -11.99 23.70
C GLN B 129 -1.61 -12.82 24.94
N ASP B 130 -2.74 -13.50 24.86
CA ASP B 130 -3.20 -14.41 25.92
C ASP B 130 -2.34 -15.68 25.92
N LEU B 131 -2.27 -16.36 24.78
CA LEU B 131 -1.46 -17.56 24.60
C LEU B 131 -0.05 -17.34 25.14
N CYS B 132 0.49 -16.16 24.88
CA CYS B 132 1.81 -15.75 25.34
C CYS B 132 1.70 -15.10 26.73
#